data_9QAD
#
_entry.id   9QAD
#
_cell.length_a   64.023
_cell.length_b   64.023
_cell.length_c   88.985
_cell.angle_alpha   90.00
_cell.angle_beta   90.00
_cell.angle_gamma   120.00
#
_symmetry.space_group_name_H-M   'P 31'
#
loop_
_entity.id
_entity.type
_entity.pdbx_description
1 polymer 'Probable global transcription activator SNF2L2'
2 non-polymer 5-oxidanyl-2-(phenylmethyl)-1,9-dihydropyrimido[4,5-b]indol-4-one
3 non-polymer 'ZINC ION'
4 water water
#
_entity_poly.entity_id   1
_entity_poly.type   'polypeptide(L)'
_entity_poly.pdbx_seq_one_letter_code
;SMAEKLSPNPPKLTKQMNAIIDTVINYKDSSGRQLSEVFIQLPSRKELPEYYELIRKPVDFKKIKERIRNHKYRSLGDLE
KDVMLLCHNAQTFNLEGSQIYEDSIVLQSVFKSARQKIAKEEE
;
_entity_poly.pdbx_strand_id   A,B,C
#
# COMPACT_ATOMS: atom_id res chain seq x y z
N LEU A 6 0.92 -42.20 -2.71
CA LEU A 6 -0.37 -41.55 -2.91
C LEU A 6 -0.92 -41.81 -4.32
N SER A 7 -1.73 -40.86 -4.85
CA SER A 7 -2.33 -40.88 -6.20
C SER A 7 -1.82 -39.65 -6.99
N PRO A 8 -1.76 -39.64 -8.35
CA PRO A 8 -1.24 -38.45 -9.05
C PRO A 8 -2.04 -37.17 -8.77
N ASN A 9 -1.40 -36.00 -8.94
CA ASN A 9 -2.07 -34.72 -8.70
C ASN A 9 -3.22 -34.53 -9.70
N PRO A 10 -4.49 -34.45 -9.19
CA PRO A 10 -5.63 -34.26 -10.10
C PRO A 10 -5.46 -33.00 -10.93
N PRO A 11 -5.93 -32.97 -12.20
CA PRO A 11 -5.75 -31.75 -13.01
C PRO A 11 -6.34 -30.52 -12.32
N LYS A 12 -7.43 -30.70 -11.52
CA LYS A 12 -8.11 -29.65 -10.76
C LYS A 12 -7.19 -29.11 -9.66
N LEU A 13 -6.44 -29.98 -8.94
CA LEU A 13 -5.53 -29.53 -7.88
C LEU A 13 -4.35 -28.73 -8.47
N THR A 14 -3.76 -29.24 -9.58
CA THR A 14 -2.67 -28.59 -10.31
C THR A 14 -3.14 -27.20 -10.81
N LYS A 15 -4.38 -27.12 -11.34
CA LYS A 15 -5.01 -25.88 -11.83
C LYS A 15 -5.21 -24.92 -10.66
N GLN A 16 -5.65 -25.43 -9.49
CA GLN A 16 -5.85 -24.61 -8.28
C GLN A 16 -4.52 -24.05 -7.76
N MET A 17 -3.47 -24.90 -7.64
CA MET A 17 -2.13 -24.50 -7.20
C MET A 17 -1.55 -23.40 -8.07
N ASN A 18 -1.74 -23.49 -9.40
CA ASN A 18 -1.27 -22.48 -10.34
C ASN A 18 -2.09 -21.22 -10.24
N ALA A 19 -3.42 -21.35 -10.08
CA ALA A 19 -4.33 -20.20 -9.93
C ALA A 19 -3.97 -19.40 -8.70
N ILE A 20 -3.63 -20.10 -7.58
CA ILE A 20 -3.24 -19.48 -6.31
C ILE A 20 -1.89 -18.75 -6.45
N ILE A 21 -0.87 -19.41 -7.02
CA ILE A 21 0.45 -18.84 -7.20
C ILE A 21 0.45 -17.68 -8.20
N ASP A 22 -0.40 -17.74 -9.23
CA ASP A 22 -0.51 -16.65 -10.20
C ASP A 22 -1.17 -15.40 -9.58
N THR A 23 -2.08 -15.59 -8.59
CA THR A 23 -2.73 -14.49 -7.87
C THR A 23 -1.65 -13.72 -7.08
N VAL A 24 -0.74 -14.45 -6.40
CA VAL A 24 0.36 -13.95 -5.59
C VAL A 24 1.34 -13.17 -6.46
N ILE A 25 1.77 -13.81 -7.56
CA ILE A 25 2.74 -13.27 -8.51
C ILE A 25 2.19 -12.05 -9.22
N ASN A 26 0.92 -12.08 -9.63
CA ASN A 26 0.33 -10.96 -10.37
C ASN A 26 -0.15 -9.82 -9.49
N TYR A 27 -0.27 -10.03 -8.16
CA TYR A 27 -0.73 -9.04 -7.18
C TYR A 27 0.08 -7.71 -7.21
N LYS A 28 -0.66 -6.57 -7.10
CA LYS A 28 -0.10 -5.21 -7.13
C LYS A 28 -0.65 -4.37 -5.98
N ASP A 29 0.17 -3.43 -5.48
CA ASP A 29 -0.23 -2.54 -4.39
C ASP A 29 -0.94 -1.28 -4.94
N SER A 30 -1.38 -0.37 -4.03
CA SER A 30 -2.07 0.87 -4.39
C SER A 30 -1.25 1.72 -5.38
N SER A 31 0.10 1.71 -5.23
CA SER A 31 1.07 2.43 -6.08
C SER A 31 1.19 1.85 -7.49
N GLY A 32 0.80 0.58 -7.65
CA GLY A 32 0.89 -0.13 -8.93
C GLY A 32 2.19 -0.89 -9.09
N ARG A 33 2.70 -1.46 -7.98
CA ARG A 33 3.95 -2.23 -7.95
C ARG A 33 3.69 -3.71 -7.67
N GLN A 34 4.26 -4.56 -8.54
CA GLN A 34 4.23 -6.02 -8.45
C GLN A 34 5.28 -6.44 -7.43
N LEU A 35 4.82 -6.69 -6.20
CA LEU A 35 5.62 -7.05 -5.02
C LEU A 35 6.50 -8.30 -5.21
N SER A 36 5.94 -9.36 -5.89
CA SER A 36 6.61 -10.65 -6.19
C SER A 36 7.89 -10.50 -7.01
N GLU A 37 8.04 -9.42 -7.80
CA GLU A 37 9.18 -9.16 -8.69
C GLU A 37 10.57 -9.66 -8.18
N VAL A 38 10.94 -9.36 -6.94
CA VAL A 38 12.24 -9.70 -6.36
C VAL A 38 12.31 -11.18 -5.88
N PHE A 39 11.15 -11.80 -5.66
CA PHE A 39 10.99 -13.17 -5.16
C PHE A 39 10.86 -14.26 -6.24
N ILE A 40 10.69 -13.87 -7.52
CA ILE A 40 10.53 -14.82 -8.63
C ILE A 40 11.79 -15.68 -8.78
N GLN A 41 12.95 -15.03 -8.75
CA GLN A 41 14.23 -15.69 -8.88
C GLN A 41 15.25 -15.15 -7.87
N LEU A 42 15.84 -16.07 -7.10
CA LEU A 42 16.89 -15.81 -6.12
C LEU A 42 18.19 -15.51 -6.88
N PRO A 43 19.11 -14.67 -6.37
CA PRO A 43 20.40 -14.51 -7.07
C PRO A 43 21.20 -15.81 -6.91
N SER A 44 22.12 -16.15 -7.85
CA SER A 44 22.92 -17.39 -7.75
C SER A 44 23.84 -17.41 -6.51
N ARG A 45 24.34 -18.61 -6.16
CA ARG A 45 25.27 -18.82 -5.03
C ARG A 45 26.59 -18.03 -5.22
N LYS A 46 26.97 -17.77 -6.50
CA LYS A 46 28.15 -17.00 -6.86
C LYS A 46 27.84 -15.50 -6.74
N GLU A 47 26.61 -15.09 -7.08
CA GLU A 47 26.20 -13.69 -7.01
C GLU A 47 26.02 -13.21 -5.55
N LEU A 48 25.34 -14.03 -4.74
CA LEU A 48 25.06 -13.71 -3.35
C LEU A 48 25.32 -14.90 -2.40
N PRO A 49 26.61 -15.25 -2.11
CA PRO A 49 26.89 -16.37 -1.18
C PRO A 49 26.42 -16.12 0.28
N GLU A 50 26.32 -14.83 0.68
CA GLU A 50 25.87 -14.38 2.00
C GLU A 50 24.48 -14.94 2.36
N TYR A 51 23.55 -14.93 1.40
CA TYR A 51 22.18 -15.42 1.53
C TYR A 51 22.13 -16.93 1.81
N TYR A 52 22.96 -17.72 1.10
CA TYR A 52 23.05 -19.18 1.21
C TYR A 52 23.78 -19.62 2.49
N GLU A 53 24.55 -18.71 3.11
CA GLU A 53 25.21 -18.98 4.36
C GLU A 53 24.19 -18.88 5.49
N LEU A 54 23.28 -17.91 5.36
CA LEU A 54 22.27 -17.65 6.37
C LEU A 54 21.02 -18.48 6.22
N ILE A 55 20.50 -18.63 4.99
CA ILE A 55 19.26 -19.34 4.69
C ILE A 55 19.52 -20.84 4.40
N ARG A 56 18.97 -21.72 5.27
CA ARG A 56 19.10 -23.19 5.23
C ARG A 56 18.41 -23.84 4.01
N LYS A 57 17.11 -23.52 3.79
CA LYS A 57 16.25 -24.02 2.72
C LYS A 57 15.80 -22.89 1.77
N PRO A 58 16.65 -22.46 0.83
CA PRO A 58 16.23 -21.41 -0.12
C PRO A 58 15.15 -21.86 -1.12
N VAL A 59 14.26 -20.93 -1.47
CA VAL A 59 13.20 -21.13 -2.44
C VAL A 59 12.79 -19.80 -3.04
N ASP A 60 12.40 -19.79 -4.31
CA ASP A 60 11.85 -18.63 -5.01
C ASP A 60 10.53 -19.05 -5.70
N PHE A 61 9.80 -18.13 -6.35
CA PHE A 61 8.56 -18.52 -7.03
C PHE A 61 8.82 -19.41 -8.25
N LYS A 62 10.02 -19.31 -8.86
CA LYS A 62 10.40 -20.17 -9.97
C LYS A 62 10.41 -21.63 -9.50
N LYS A 63 11.10 -21.93 -8.37
CA LYS A 63 11.17 -23.27 -7.79
C LYS A 63 9.78 -23.79 -7.38
N ILE A 64 8.89 -22.93 -6.84
CA ILE A 64 7.52 -23.29 -6.47
C ILE A 64 6.69 -23.71 -7.70
N LYS A 65 6.85 -22.99 -8.85
CA LYS A 65 6.16 -23.29 -10.11
C LYS A 65 6.62 -24.61 -10.68
N GLU A 66 7.94 -24.90 -10.54
CA GLU A 66 8.60 -26.14 -10.95
C GLU A 66 8.06 -27.30 -10.10
N ARG A 67 7.90 -27.08 -8.79
CA ARG A 67 7.37 -28.08 -7.85
C ARG A 67 5.90 -28.38 -8.05
N ILE A 68 5.14 -27.40 -8.60
CA ILE A 68 3.73 -27.60 -8.96
C ILE A 68 3.74 -28.46 -10.23
N ARG A 69 4.48 -28.00 -11.25
CA ARG A 69 4.65 -28.63 -12.56
C ARG A 69 5.11 -30.09 -12.46
N ASN A 70 6.07 -30.36 -11.56
CA ASN A 70 6.64 -31.69 -11.38
C ASN A 70 5.96 -32.50 -10.28
N HIS A 71 4.73 -32.09 -9.93
CA HIS A 71 3.80 -32.73 -9.00
C HIS A 71 4.46 -33.13 -7.66
N LYS A 72 5.20 -32.17 -7.08
CA LYS A 72 5.93 -32.33 -5.82
C LYS A 72 5.08 -31.99 -4.59
N TYR A 73 4.13 -31.05 -4.74
CA TYR A 73 3.20 -30.70 -3.68
C TYR A 73 2.02 -31.68 -3.70
N ARG A 74 1.86 -32.47 -2.62
CA ARG A 74 0.82 -33.51 -2.53
C ARG A 74 -0.52 -33.01 -1.93
N SER A 75 -0.57 -31.72 -1.58
CA SER A 75 -1.72 -31.03 -1.01
C SER A 75 -1.47 -29.53 -1.05
N LEU A 76 -2.53 -28.73 -0.89
CA LEU A 76 -2.43 -27.28 -0.85
C LEU A 76 -1.71 -26.82 0.44
N GLY A 77 -1.71 -27.69 1.45
CA GLY A 77 -0.99 -27.48 2.70
C GLY A 77 0.51 -27.50 2.51
N ASP A 78 0.99 -28.41 1.63
CA ASP A 78 2.40 -28.57 1.26
C ASP A 78 2.89 -27.37 0.44
N LEU A 79 2.00 -26.78 -0.37
CA LEU A 79 2.27 -25.60 -1.19
C LEU A 79 2.42 -24.41 -0.29
N GLU A 80 1.49 -24.28 0.70
CA GLU A 80 1.46 -23.24 1.73
C GLU A 80 2.79 -23.22 2.50
N LYS A 81 3.23 -24.39 2.97
CA LYS A 81 4.49 -24.62 3.69
C LYS A 81 5.66 -24.00 2.94
N ASP A 82 5.69 -24.11 1.59
CA ASP A 82 6.77 -23.55 0.76
C ASP A 82 6.62 -22.06 0.49
N VAL A 83 5.39 -21.55 0.39
CA VAL A 83 5.18 -20.10 0.23
C VAL A 83 5.57 -19.41 1.55
N MET A 84 5.18 -20.01 2.70
CA MET A 84 5.49 -19.52 4.06
C MET A 84 6.99 -19.52 4.29
N LEU A 85 7.71 -20.56 3.77
CA LEU A 85 9.17 -20.68 3.87
C LEU A 85 9.84 -19.56 3.09
N LEU A 86 9.35 -19.23 1.88
CA LEU A 86 9.87 -18.18 1.01
C LEU A 86 9.84 -16.87 1.77
N CYS A 87 8.68 -16.52 2.32
CA CYS A 87 8.46 -15.30 3.11
C CYS A 87 9.30 -15.25 4.39
N HIS A 88 9.44 -16.38 5.11
CA HIS A 88 10.25 -16.48 6.33
C HIS A 88 11.68 -16.13 6.01
N ASN A 89 12.25 -16.71 4.92
CA ASN A 89 13.62 -16.49 4.46
C ASN A 89 13.83 -15.00 4.12
N ALA A 90 12.83 -14.38 3.48
CA ALA A 90 12.83 -12.96 3.11
C ALA A 90 12.91 -12.09 4.38
N GLN A 91 12.17 -12.51 5.44
CA GLN A 91 12.09 -11.88 6.75
C GLN A 91 13.31 -12.14 7.61
N THR A 92 14.01 -13.25 7.38
CA THR A 92 15.23 -13.62 8.12
C THR A 92 16.41 -12.82 7.55
N PHE A 93 16.60 -12.86 6.22
CA PHE A 93 17.70 -12.21 5.54
C PHE A 93 17.62 -10.68 5.48
N ASN A 94 16.41 -10.12 5.37
CA ASN A 94 16.22 -8.67 5.23
C ASN A 94 15.86 -8.00 6.54
N LEU A 95 16.26 -6.72 6.69
CA LEU A 95 15.98 -5.95 7.89
C LEU A 95 14.51 -5.70 8.07
N GLU A 96 14.04 -5.76 9.30
CA GLU A 96 12.66 -5.51 9.64
C GLU A 96 12.34 -4.08 9.20
N GLY A 97 11.17 -3.87 8.63
CA GLY A 97 10.77 -2.56 8.14
C GLY A 97 11.23 -2.25 6.73
N SER A 98 12.18 -3.04 6.16
CA SER A 98 12.66 -2.85 4.78
C SER A 98 11.61 -3.32 3.77
N GLN A 99 11.67 -2.80 2.53
CA GLN A 99 10.73 -3.12 1.44
C GLN A 99 10.54 -4.62 1.20
N ILE A 100 11.64 -5.39 1.03
CA ILE A 100 11.55 -6.84 0.81
C ILE A 100 10.86 -7.53 1.99
N TYR A 101 11.26 -7.20 3.22
CA TYR A 101 10.68 -7.72 4.47
C TYR A 101 9.15 -7.47 4.51
N GLU A 102 8.72 -6.23 4.30
CA GLU A 102 7.30 -5.91 4.39
C GLU A 102 6.49 -6.53 3.24
N ASP A 103 7.04 -6.55 1.99
CA ASP A 103 6.37 -7.20 0.84
C ASP A 103 6.06 -8.67 1.11
N SER A 104 6.98 -9.39 1.77
CA SER A 104 6.79 -10.80 2.12
C SER A 104 5.63 -11.01 3.09
N ILE A 105 5.44 -10.11 4.04
CA ILE A 105 4.30 -10.17 4.96
C ILE A 105 2.97 -10.04 4.17
N VAL A 106 2.92 -9.10 3.19
CA VAL A 106 1.75 -8.89 2.32
C VAL A 106 1.47 -10.15 1.50
N LEU A 107 2.49 -10.68 0.79
CA LEU A 107 2.38 -11.86 -0.08
C LEU A 107 1.88 -13.10 0.68
N GLN A 108 2.25 -13.21 1.98
CA GLN A 108 1.79 -14.27 2.90
C GLN A 108 0.27 -14.20 3.03
N SER A 109 -0.25 -12.98 3.17
CA SER A 109 -1.66 -12.68 3.31
C SER A 109 -2.39 -12.89 1.97
N VAL A 110 -1.77 -12.45 0.86
CA VAL A 110 -2.29 -12.59 -0.50
C VAL A 110 -2.48 -14.07 -0.85
N PHE A 111 -1.55 -14.92 -0.37
CA PHE A 111 -1.62 -16.38 -0.56
C PHE A 111 -2.79 -16.98 0.20
N LYS A 112 -2.95 -16.62 1.49
CA LYS A 112 -4.03 -17.15 2.32
C LYS A 112 -5.40 -16.73 1.78
N SER A 113 -5.51 -15.45 1.30
CA SER A 113 -6.71 -14.88 0.68
C SER A 113 -7.05 -15.67 -0.58
N ALA A 114 -6.03 -15.93 -1.43
CA ALA A 114 -6.17 -16.70 -2.65
C ALA A 114 -6.61 -18.12 -2.33
N ARG A 115 -5.83 -18.86 -1.49
CA ARG A 115 -6.13 -20.24 -1.08
C ARG A 115 -7.58 -20.43 -0.62
N GLN A 116 -8.07 -19.56 0.28
CA GLN A 116 -9.44 -19.65 0.79
C GLN A 116 -10.49 -19.33 -0.29
N LYS A 117 -10.15 -18.45 -1.26
CA LYS A 117 -11.04 -18.05 -2.35
C LYS A 117 -11.16 -19.17 -3.38
N ILE A 118 -10.02 -19.66 -3.91
CA ILE A 118 -9.93 -20.74 -4.90
C ILE A 118 -10.45 -22.07 -4.26
N ALA A 119 -9.82 -22.54 -3.16
CA ALA A 119 -10.25 -23.75 -2.45
C ALA A 119 -11.17 -23.39 -1.29
N ASN B 9 22.88 8.04 -18.69
CA ASN B 9 22.05 7.85 -17.49
C ASN B 9 22.39 6.52 -16.79
N PRO B 10 22.96 6.53 -15.56
CA PRO B 10 23.27 5.25 -14.89
C PRO B 10 22.07 4.64 -14.13
N PRO B 11 21.81 3.30 -14.26
CA PRO B 11 20.69 2.68 -13.53
C PRO B 11 20.85 2.72 -12.00
N LYS B 12 22.11 2.73 -11.51
CA LYS B 12 22.48 2.80 -10.10
C LYS B 12 22.06 4.16 -9.49
N LEU B 13 22.31 5.27 -10.22
CA LEU B 13 21.94 6.62 -9.79
C LEU B 13 20.42 6.80 -9.72
N THR B 14 19.70 6.28 -10.74
CA THR B 14 18.23 6.30 -10.82
C THR B 14 17.64 5.50 -9.64
N LYS B 15 18.22 4.31 -9.35
CA LYS B 15 17.80 3.43 -8.25
C LYS B 15 17.98 4.14 -6.91
N GLN B 16 19.12 4.85 -6.77
CA GLN B 16 19.50 5.63 -5.58
C GLN B 16 18.49 6.74 -5.34
N MET B 17 18.27 7.58 -6.37
CA MET B 17 17.36 8.72 -6.33
C MET B 17 15.95 8.32 -5.94
N ASN B 18 15.47 7.17 -6.45
CA ASN B 18 14.14 6.65 -6.12
C ASN B 18 14.10 6.13 -4.71
N ALA B 19 15.17 5.43 -4.27
CA ALA B 19 15.28 4.89 -2.91
C ALA B 19 15.24 6.02 -1.89
N ILE B 20 15.93 7.15 -2.19
CA ILE B 20 15.98 8.34 -1.34
C ILE B 20 14.59 9.02 -1.27
N ILE B 21 13.95 9.27 -2.41
CA ILE B 21 12.65 9.92 -2.47
C ILE B 21 11.55 9.05 -1.85
N ASP B 22 11.64 7.73 -1.99
CA ASP B 22 10.66 6.83 -1.39
C ASP B 22 10.78 6.80 0.14
N THR B 23 12.00 7.01 0.69
CA THR B 23 12.25 7.08 2.14
C THR B 23 11.50 8.30 2.70
N VAL B 24 11.62 9.46 2.01
CA VAL B 24 10.98 10.75 2.34
C VAL B 24 9.46 10.61 2.32
N ILE B 25 8.95 10.09 1.19
CA ILE B 25 7.53 9.91 0.96
C ILE B 25 6.91 8.92 1.93
N ASN B 26 7.59 7.79 2.20
CA ASN B 26 7.03 6.77 3.08
C ASN B 26 7.23 7.04 4.54
N TYR B 27 8.08 8.04 4.89
CA TYR B 27 8.38 8.40 6.28
C TYR B 27 7.15 8.78 7.08
N LYS B 28 7.04 8.17 8.28
CA LYS B 28 6.01 8.40 9.28
C LYS B 28 6.65 8.86 10.56
N ASP B 29 6.01 9.81 11.24
CA ASP B 29 6.46 10.33 12.53
C ASP B 29 6.11 9.32 13.65
N SER B 30 6.45 9.63 14.90
CA SER B 30 6.17 8.79 16.08
C SER B 30 4.69 8.41 16.17
N SER B 31 3.77 9.34 15.80
CA SER B 31 2.33 9.17 15.82
C SER B 31 1.83 8.23 14.70
N GLY B 32 2.65 8.07 13.66
CA GLY B 32 2.41 7.21 12.51
C GLY B 32 1.89 7.91 11.27
N ARG B 33 2.00 9.23 11.22
CA ARG B 33 1.51 10.06 10.12
C ARG B 33 2.58 10.29 9.04
N GLN B 34 2.23 9.97 7.78
CA GLN B 34 3.08 10.19 6.62
C GLN B 34 3.09 11.72 6.35
N LEU B 35 4.21 12.38 6.66
CA LEU B 35 4.33 13.83 6.55
C LEU B 35 4.27 14.38 5.13
N SER B 36 4.66 13.56 4.14
CA SER B 36 4.68 13.90 2.70
C SER B 36 3.31 14.05 2.07
N GLU B 37 2.27 13.43 2.68
CA GLU B 37 0.89 13.40 2.17
C GLU B 37 0.42 14.68 1.42
N VAL B 38 0.59 15.86 2.02
CA VAL B 38 0.13 17.15 1.47
C VAL B 38 1.06 17.68 0.34
N PHE B 39 2.33 17.23 0.31
CA PHE B 39 3.38 17.64 -0.62
C PHE B 39 3.51 16.82 -1.90
N ILE B 40 2.82 15.67 -1.99
CA ILE B 40 2.87 14.79 -3.17
C ILE B 40 2.36 15.51 -4.42
N GLN B 41 1.21 16.18 -4.28
CA GLN B 41 0.59 16.93 -5.36
C GLN B 41 0.09 18.28 -4.86
N LEU B 42 0.52 19.34 -5.54
CA LEU B 42 0.13 20.73 -5.27
C LEU B 42 -1.33 20.91 -5.66
N PRO B 43 -2.14 21.80 -5.05
CA PRO B 43 -3.51 22.00 -5.58
C PRO B 43 -3.41 22.69 -6.94
N SER B 44 -4.39 22.50 -7.85
CA SER B 44 -4.34 23.12 -9.18
C SER B 44 -4.40 24.67 -9.10
N ARG B 45 -3.99 25.33 -10.19
CA ARG B 45 -4.00 26.80 -10.31
C ARG B 45 -5.44 27.34 -10.18
N LYS B 46 -6.45 26.53 -10.56
CA LYS B 46 -7.87 26.87 -10.47
C LYS B 46 -8.38 26.67 -9.05
N GLU B 47 -7.86 25.64 -8.34
CA GLU B 47 -8.25 25.32 -6.96
C GLU B 47 -7.68 26.36 -5.97
N LEU B 48 -6.39 26.69 -6.13
CA LEU B 48 -5.70 27.61 -5.25
C LEU B 48 -4.79 28.59 -6.02
N PRO B 49 -5.40 29.61 -6.72
CA PRO B 49 -4.56 30.59 -7.44
C PRO B 49 -3.64 31.42 -6.54
N GLU B 50 -4.04 31.62 -5.26
CA GLU B 50 -3.31 32.35 -4.21
C GLU B 50 -1.89 31.78 -4.05
N TYR B 51 -1.75 30.43 -4.15
CA TYR B 51 -0.47 29.73 -4.02
C TYR B 51 0.50 30.17 -5.12
N TYR B 52 0.05 30.10 -6.37
CA TYR B 52 0.78 30.40 -7.61
C TYR B 52 1.08 31.89 -7.78
N GLU B 53 0.37 32.76 -7.04
CA GLU B 53 0.62 34.18 -7.04
C GLU B 53 1.84 34.45 -6.16
N LEU B 54 1.97 33.70 -5.06
CA LEU B 54 3.04 33.89 -4.10
C LEU B 54 4.30 33.10 -4.43
N ILE B 55 4.15 31.83 -4.86
CA ILE B 55 5.26 30.91 -5.15
C ILE B 55 5.70 31.00 -6.62
N ARG B 56 6.96 31.45 -6.84
CA ARG B 56 7.60 31.66 -8.14
C ARG B 56 7.90 30.34 -8.90
N LYS B 57 8.56 29.37 -8.23
CA LYS B 57 8.96 28.06 -8.76
C LYS B 57 8.25 26.90 -8.04
N PRO B 58 6.96 26.61 -8.36
CA PRO B 58 6.27 25.49 -7.70
C PRO B 58 6.82 24.13 -8.09
N VAL B 59 6.79 23.20 -7.14
CA VAL B 59 7.23 21.81 -7.29
C VAL B 59 6.55 20.98 -6.20
N ASP B 60 6.22 19.74 -6.51
CA ASP B 60 5.68 18.76 -5.57
C ASP B 60 6.48 17.46 -5.69
N PHE B 61 6.19 16.43 -4.89
CA PHE B 61 6.93 15.15 -5.02
C PHE B 61 6.62 14.43 -6.32
N LYS B 62 5.42 14.67 -6.89
CA LYS B 62 5.05 14.10 -8.18
C LYS B 62 6.04 14.58 -9.24
N LYS B 63 6.27 15.91 -9.35
CA LYS B 63 7.21 16.50 -10.31
C LYS B 63 8.65 15.99 -10.11
N ILE B 64 9.10 15.85 -8.85
CA ILE B 64 10.43 15.31 -8.51
C ILE B 64 10.59 13.84 -9.05
N LYS B 65 9.56 12.99 -8.84
CA LYS B 65 9.54 11.59 -9.30
C LYS B 65 9.59 11.52 -10.81
N GLU B 66 8.88 12.43 -11.50
CA GLU B 66 8.84 12.59 -12.96
C GLU B 66 10.24 12.96 -13.47
N ARG B 67 10.93 13.89 -12.80
CA ARG B 67 12.27 14.34 -13.14
C ARG B 67 13.34 13.26 -12.91
N ILE B 68 13.09 12.33 -11.96
CA ILE B 68 13.97 11.18 -11.73
C ILE B 68 13.73 10.20 -12.90
N ARG B 69 12.45 9.85 -13.10
CA ARG B 69 11.96 8.94 -14.12
C ARG B 69 12.42 9.33 -15.51
N ASN B 70 12.38 10.64 -15.84
CA ASN B 70 12.74 11.16 -17.15
C ASN B 70 14.21 11.61 -17.23
N HIS B 71 15.03 11.10 -16.28
CA HIS B 71 16.49 11.28 -16.17
C HIS B 71 16.94 12.75 -16.27
N LYS B 72 16.23 13.65 -15.58
CA LYS B 72 16.48 15.11 -15.57
C LYS B 72 17.49 15.57 -14.50
N TYR B 73 17.60 14.86 -13.37
CA TYR B 73 18.59 15.18 -12.34
C TYR B 73 19.89 14.51 -12.72
N ARG B 74 20.93 15.32 -12.94
CA ARG B 74 22.25 14.85 -13.38
C ARG B 74 23.16 14.39 -12.23
N SER B 75 22.79 14.71 -10.99
CA SER B 75 23.50 14.36 -9.75
C SER B 75 22.53 14.38 -8.57
N LEU B 76 22.94 13.81 -7.43
CA LEU B 76 22.14 13.81 -6.21
C LEU B 76 22.02 15.23 -5.64
N GLY B 77 22.97 16.09 -6.00
CA GLY B 77 22.97 17.49 -5.62
C GLY B 77 21.85 18.26 -6.27
N ASP B 78 21.55 17.93 -7.55
CA ASP B 78 20.46 18.50 -8.36
C ASP B 78 19.09 18.08 -7.82
N LEU B 79 19.01 16.84 -7.27
CA LEU B 79 17.79 16.29 -6.67
C LEU B 79 17.52 17.01 -5.37
N GLU B 80 18.59 17.23 -4.56
CA GLU B 80 18.59 17.95 -3.27
C GLU B 80 18.05 19.36 -3.46
N LYS B 81 18.56 20.07 -4.47
CA LYS B 81 18.16 21.42 -4.87
C LYS B 81 16.64 21.53 -5.02
N ASP B 82 16.00 20.51 -5.62
CA ASP B 82 14.56 20.48 -5.84
C ASP B 82 13.76 20.08 -4.60
N VAL B 83 14.32 19.21 -3.74
CA VAL B 83 13.65 18.84 -2.49
C VAL B 83 13.67 20.05 -1.56
N MET B 84 14.83 20.76 -1.51
CA MET B 84 15.03 21.97 -0.71
C MET B 84 14.08 23.10 -1.15
N LEU B 85 13.87 23.21 -2.48
CA LEU B 85 12.97 24.20 -3.08
C LEU B 85 11.52 23.92 -2.66
N LEU B 86 11.10 22.63 -2.67
CA LEU B 86 9.77 22.18 -2.27
C LEU B 86 9.48 22.69 -0.86
N CYS B 87 10.39 22.36 0.08
CA CYS B 87 10.29 22.72 1.50
C CYS B 87 10.28 24.25 1.72
N HIS B 88 11.12 25.01 0.98
CA HIS B 88 11.17 26.47 1.06
C HIS B 88 9.78 27.07 0.74
N ASN B 89 9.16 26.61 -0.36
CA ASN B 89 7.83 27.04 -0.84
C ASN B 89 6.74 26.82 0.24
N ALA B 90 6.85 25.70 0.97
CA ALA B 90 5.92 25.30 2.02
C ALA B 90 6.07 26.26 3.19
N GLN B 91 7.31 26.56 3.49
CA GLN B 91 7.71 27.48 4.53
C GLN B 91 7.36 28.93 4.20
N THR B 92 7.30 29.26 2.90
CA THR B 92 6.93 30.59 2.41
C THR B 92 5.41 30.79 2.48
N PHE B 93 4.65 29.85 1.92
CA PHE B 93 3.20 29.95 1.87
C PHE B 93 2.48 29.75 3.21
N ASN B 94 3.02 28.88 4.07
CA ASN B 94 2.39 28.55 5.36
C ASN B 94 2.99 29.31 6.53
N LEU B 95 2.16 29.54 7.56
CA LEU B 95 2.59 30.25 8.77
C LEU B 95 3.60 29.45 9.55
N GLU B 96 4.59 30.16 10.12
CA GLU B 96 5.63 29.55 10.95
C GLU B 96 4.89 28.86 12.12
N GLY B 97 5.33 27.65 12.47
CA GLY B 97 4.71 26.91 13.56
C GLY B 97 3.49 26.09 13.15
N SER B 98 2.97 26.28 11.92
CA SER B 98 1.83 25.49 11.43
C SER B 98 2.31 24.08 11.02
N GLN B 99 1.38 23.11 10.98
CA GLN B 99 1.68 21.70 10.65
C GLN B 99 2.45 21.54 9.34
N ILE B 100 1.96 22.14 8.23
CA ILE B 100 2.63 22.05 6.92
C ILE B 100 4.06 22.61 7.01
N TYR B 101 4.23 23.80 7.61
CA TYR B 101 5.52 24.46 7.79
C TYR B 101 6.50 23.55 8.52
N GLU B 102 6.10 23.06 9.73
CA GLU B 102 6.89 22.18 10.57
C GLU B 102 7.25 20.86 9.86
N ASP B 103 6.29 20.21 9.17
CA ASP B 103 6.51 18.95 8.42
C ASP B 103 7.62 19.08 7.36
N SER B 104 7.65 20.22 6.63
CA SER B 104 8.66 20.51 5.60
C SER B 104 10.08 20.57 6.19
N ILE B 105 10.22 21.11 7.41
CA ILE B 105 11.52 21.16 8.10
C ILE B 105 12.00 19.71 8.39
N VAL B 106 11.08 18.85 8.86
CA VAL B 106 11.37 17.43 9.15
C VAL B 106 11.78 16.71 7.86
N LEU B 107 10.96 16.82 6.77
CA LEU B 107 11.22 16.16 5.49
C LEU B 107 12.57 16.54 4.88
N GLN B 108 13.03 17.80 5.12
CA GLN B 108 14.36 18.33 4.73
C GLN B 108 15.45 17.48 5.39
N SER B 109 15.25 17.16 6.67
CA SER B 109 16.16 16.35 7.48
C SER B 109 16.10 14.88 7.06
N VAL B 110 14.88 14.37 6.80
CA VAL B 110 14.64 12.99 6.35
C VAL B 110 15.34 12.74 5.01
N PHE B 111 15.37 13.75 4.13
CA PHE B 111 16.07 13.67 2.85
C PHE B 111 17.58 13.57 3.04
N LYS B 112 18.17 14.44 3.89
CA LYS B 112 19.60 14.46 4.14
C LYS B 112 20.06 13.15 4.78
N SER B 113 19.25 12.59 5.73
CA SER B 113 19.45 11.30 6.40
C SER B 113 19.45 10.16 5.34
N ALA B 114 18.46 10.15 4.41
CA ALA B 114 18.35 9.14 3.35
C ALA B 114 19.51 9.24 2.33
N ARG B 115 19.84 10.49 1.87
CA ARG B 115 20.94 10.75 0.94
C ARG B 115 22.26 10.19 1.51
N GLN B 116 22.46 10.35 2.83
CA GLN B 116 23.64 9.89 3.60
C GLN B 116 23.73 8.36 3.64
N LYS B 117 22.63 7.69 4.03
CA LYS B 117 22.54 6.24 4.17
C LYS B 117 22.55 5.47 2.86
N ILE B 118 21.84 5.94 1.80
CA ILE B 118 21.67 5.23 0.53
C ILE B 118 22.86 5.41 -0.45
N ALA B 119 23.32 6.65 -0.70
CA ALA B 119 24.42 6.90 -1.65
C ALA B 119 25.80 6.47 -1.15
N LYS B 120 25.99 6.46 0.20
CA LYS B 120 27.23 6.04 0.88
C LYS B 120 28.48 6.80 0.36
N GLU B 121 28.40 8.15 0.39
CA GLU B 121 29.45 9.06 -0.06
C GLU B 121 30.38 9.43 1.12
N LEU C 6 -26.19 6.69 -19.17
CA LEU C 6 -26.34 5.72 -20.25
C LEU C 6 -25.10 4.84 -20.42
N SER C 7 -23.91 5.48 -20.48
CA SER C 7 -22.62 4.82 -20.71
C SER C 7 -22.11 4.04 -19.48
N PRO C 8 -21.36 2.91 -19.68
CA PRO C 8 -20.88 2.16 -18.49
C PRO C 8 -19.89 2.93 -17.63
N ASN C 9 -19.58 2.37 -16.44
CA ASN C 9 -18.60 2.94 -15.51
C ASN C 9 -17.18 2.75 -16.14
N PRO C 10 -16.40 3.86 -16.39
CA PRO C 10 -15.05 3.69 -16.98
C PRO C 10 -14.17 2.73 -16.17
N PRO C 11 -13.42 1.80 -16.84
CA PRO C 11 -12.58 0.82 -16.10
C PRO C 11 -11.56 1.42 -15.15
N LYS C 12 -11.11 2.65 -15.46
CA LYS C 12 -10.18 3.45 -14.67
C LYS C 12 -10.84 3.87 -13.34
N LEU C 13 -12.15 4.26 -13.36
CA LEU C 13 -12.89 4.65 -12.14
C LEU C 13 -13.09 3.45 -11.22
N THR C 14 -13.46 2.28 -11.80
CA THR C 14 -13.65 1.00 -11.09
C THR C 14 -12.33 0.57 -10.43
N LYS C 15 -11.19 0.71 -11.18
CA LYS C 15 -9.84 0.38 -10.69
C LYS C 15 -9.47 1.24 -9.50
N GLN C 16 -9.79 2.55 -9.58
CA GLN C 16 -9.55 3.55 -8.53
C GLN C 16 -10.33 3.22 -7.27
N MET C 17 -11.64 2.93 -7.42
CA MET C 17 -12.54 2.60 -6.32
C MET C 17 -12.10 1.36 -5.56
N ASN C 18 -11.63 0.34 -6.30
CA ASN C 18 -11.15 -0.90 -5.71
C ASN C 18 -9.83 -0.69 -5.01
N ALA C 19 -8.93 0.10 -5.63
CA ALA C 19 -7.61 0.40 -5.07
C ALA C 19 -7.78 1.13 -3.75
N ILE C 20 -8.73 2.07 -3.67
CA ILE C 20 -9.03 2.85 -2.47
C ILE C 20 -9.60 1.96 -1.35
N ILE C 21 -10.63 1.14 -1.67
CA ILE C 21 -11.27 0.26 -0.70
C ILE C 21 -10.32 -0.86 -0.22
N ASP C 22 -9.44 -1.34 -1.10
CA ASP C 22 -8.48 -2.35 -0.70
C ASP C 22 -7.41 -1.79 0.24
N THR C 23 -7.08 -0.48 0.12
CA THR C 23 -6.12 0.19 1.00
C THR C 23 -6.70 0.21 2.42
N VAL C 24 -8.01 0.55 2.53
CA VAL C 24 -8.77 0.65 3.79
C VAL C 24 -8.85 -0.72 4.45
N ILE C 25 -9.26 -1.73 3.69
CA ILE C 25 -9.44 -3.10 4.14
C ILE C 25 -8.11 -3.72 4.54
N ASN C 26 -7.06 -3.48 3.76
CA ASN C 26 -5.76 -4.12 4.03
C ASN C 26 -4.94 -3.40 5.08
N TYR C 27 -5.33 -2.16 5.44
CA TYR C 27 -4.64 -1.35 6.44
C TYR C 27 -4.54 -2.03 7.82
N LYS C 28 -3.30 -2.01 8.35
CA LYS C 28 -2.91 -2.51 9.67
C LYS C 28 -2.26 -1.39 10.45
N ASP C 29 -2.56 -1.35 11.75
CA ASP C 29 -1.96 -0.37 12.66
C ASP C 29 -0.49 -0.77 12.98
N SER C 30 0.19 0.02 13.82
CA SER C 30 1.58 -0.21 14.21
C SER C 30 1.78 -1.60 14.84
N SER C 31 0.76 -2.09 15.59
CA SER C 31 0.73 -3.39 16.26
C SER C 31 0.62 -4.56 15.27
N GLY C 32 0.10 -4.29 14.06
CA GLY C 32 -0.08 -5.28 13.00
C GLY C 32 -1.48 -5.87 12.97
N ARG C 33 -2.50 -5.08 13.40
CA ARG C 33 -3.90 -5.48 13.44
C ARG C 33 -4.67 -4.81 12.32
N GLN C 34 -5.34 -5.63 11.49
CA GLN C 34 -6.20 -5.15 10.41
C GLN C 34 -7.52 -4.59 11.04
N LEU C 35 -7.72 -3.29 10.94
CA LEU C 35 -8.85 -2.61 11.60
C LEU C 35 -10.21 -2.92 10.99
N SER C 36 -10.23 -3.16 9.68
CA SER C 36 -11.44 -3.45 8.91
C SER C 36 -12.13 -4.77 9.26
N GLU C 37 -11.39 -5.74 9.83
CA GLU C 37 -11.88 -7.07 10.20
C GLU C 37 -13.35 -7.16 10.66
N VAL C 38 -13.77 -6.32 11.61
CA VAL C 38 -15.10 -6.31 12.22
C VAL C 38 -16.16 -5.62 11.30
N PHE C 39 -15.70 -4.77 10.36
CA PHE C 39 -16.53 -3.97 9.45
C PHE C 39 -16.81 -4.60 8.07
N ILE C 40 -16.13 -5.71 7.74
CA ILE C 40 -16.32 -6.41 6.46
C ILE C 40 -17.76 -6.91 6.33
N GLN C 41 -18.29 -7.52 7.40
CA GLN C 41 -19.63 -8.04 7.44
C GLN C 41 -20.34 -7.69 8.76
N LEU C 42 -21.54 -7.12 8.65
CA LEU C 42 -22.41 -6.76 9.75
C LEU C 42 -22.89 -8.01 10.49
N PRO C 43 -23.15 -7.98 11.82
CA PRO C 43 -23.73 -9.16 12.46
C PRO C 43 -25.18 -9.27 12.01
N SER C 44 -25.75 -10.51 11.96
CA SER C 44 -27.14 -10.75 11.54
C SER C 44 -28.15 -10.04 12.46
N ARG C 45 -29.36 -9.79 11.93
CA ARG C 45 -30.48 -9.19 12.67
C ARG C 45 -30.83 -10.06 13.89
N LYS C 46 -30.51 -11.37 13.82
CA LYS C 46 -30.73 -12.35 14.89
C LYS C 46 -29.68 -12.18 15.99
N GLU C 47 -28.42 -11.91 15.59
CA GLU C 47 -27.27 -11.74 16.49
C GLU C 47 -27.35 -10.42 17.26
N LEU C 48 -27.52 -9.29 16.54
CA LEU C 48 -27.59 -7.96 17.09
C LEU C 48 -28.91 -7.26 16.70
N PRO C 49 -29.98 -7.45 17.53
CA PRO C 49 -31.27 -6.83 17.21
C PRO C 49 -31.23 -5.31 17.35
N GLU C 50 -30.65 -4.81 18.47
CA GLU C 50 -30.52 -3.38 18.82
C GLU C 50 -29.70 -2.59 17.80
N TYR C 51 -28.86 -3.27 16.99
CA TYR C 51 -28.07 -2.59 15.95
C TYR C 51 -29.05 -2.05 14.91
N TYR C 52 -29.91 -2.94 14.40
CA TYR C 52 -30.90 -2.64 13.37
C TYR C 52 -32.04 -1.75 13.88
N GLU C 53 -32.25 -1.70 15.20
CA GLU C 53 -33.25 -0.84 15.81
C GLU C 53 -32.71 0.57 15.86
N LEU C 54 -31.39 0.70 16.11
CA LEU C 54 -30.73 1.99 16.24
C LEU C 54 -30.24 2.58 14.93
N ILE C 55 -29.64 1.74 14.06
CA ILE C 55 -29.06 2.16 12.79
C ILE C 55 -30.09 2.07 11.64
N ARG C 56 -30.42 3.25 11.06
CA ARG C 56 -31.39 3.45 9.97
C ARG C 56 -30.95 2.85 8.63
N LYS C 57 -29.70 3.18 8.18
CA LYS C 57 -29.10 2.71 6.92
C LYS C 57 -27.86 1.82 7.17
N PRO C 58 -28.05 0.52 7.51
CA PRO C 58 -26.89 -0.37 7.70
C PRO C 58 -26.09 -0.62 6.41
N VAL C 59 -24.76 -0.67 6.54
CA VAL C 59 -23.82 -0.93 5.44
C VAL C 59 -22.52 -1.54 6.00
N ASP C 60 -21.86 -2.45 5.25
CA ASP C 60 -20.55 -3.06 5.61
C ASP C 60 -19.59 -2.98 4.39
N PHE C 61 -18.32 -3.42 4.52
CA PHE C 61 -17.42 -3.36 3.36
C PHE C 61 -17.82 -4.35 2.27
N LYS C 62 -18.52 -5.44 2.64
CA LYS C 62 -19.02 -6.41 1.67
C LYS C 62 -19.98 -5.69 0.71
N LYS C 63 -20.99 -4.95 1.25
CA LYS C 63 -21.96 -4.21 0.44
C LYS C 63 -21.30 -3.13 -0.42
N ILE C 64 -20.29 -2.46 0.13
CA ILE C 64 -19.57 -1.43 -0.60
C ILE C 64 -18.85 -2.03 -1.83
N LYS C 65 -18.16 -3.20 -1.66
CA LYS C 65 -17.43 -3.90 -2.73
C LYS C 65 -18.38 -4.39 -3.82
N GLU C 66 -19.60 -4.83 -3.43
CA GLU C 66 -20.67 -5.27 -4.29
C GLU C 66 -21.13 -4.09 -5.16
N ARG C 67 -21.29 -2.91 -4.55
CA ARG C 67 -21.73 -1.68 -5.23
C ARG C 67 -20.66 -1.14 -6.20
N ILE C 68 -19.36 -1.44 -5.93
CA ILE C 68 -18.27 -1.07 -6.85
C ILE C 68 -18.36 -2.03 -8.04
N ARG C 69 -18.37 -3.35 -7.72
CA ARG C 69 -18.45 -4.48 -8.65
C ARG C 69 -19.62 -4.37 -9.60
N ASN C 70 -20.80 -3.96 -9.09
CA ASN C 70 -22.02 -3.87 -9.87
C ASN C 70 -22.26 -2.45 -10.42
N HIS C 71 -21.18 -1.64 -10.48
CA HIS C 71 -21.10 -0.29 -11.05
C HIS C 71 -22.20 0.67 -10.58
N LYS C 72 -22.46 0.65 -9.26
CA LYS C 72 -23.48 1.46 -8.59
C LYS C 72 -22.99 2.86 -8.16
N TYR C 73 -21.70 3.00 -7.83
CA TYR C 73 -21.13 4.31 -7.47
C TYR C 73 -20.73 5.02 -8.76
N ARG C 74 -21.33 6.19 -9.05
CA ARG C 74 -21.04 6.90 -10.30
C ARG C 74 -19.81 7.82 -10.17
N SER C 75 -19.44 8.15 -8.93
CA SER C 75 -18.31 9.01 -8.62
C SER C 75 -17.65 8.56 -7.33
N LEU C 76 -16.43 9.04 -7.09
CA LEU C 76 -15.68 8.73 -5.86
C LEU C 76 -16.35 9.39 -4.64
N GLY C 77 -17.13 10.45 -4.88
CA GLY C 77 -17.92 11.16 -3.88
C GLY C 77 -19.03 10.29 -3.33
N ASP C 78 -19.67 9.48 -4.22
CA ASP C 78 -20.73 8.53 -3.91
C ASP C 78 -20.21 7.36 -3.08
N LEU C 79 -18.94 6.95 -3.36
CA LEU C 79 -18.27 5.88 -2.64
C LEU C 79 -17.93 6.37 -1.22
N GLU C 80 -17.42 7.63 -1.10
CA GLU C 80 -17.07 8.32 0.14
C GLU C 80 -18.28 8.37 1.04
N LYS C 81 -19.44 8.78 0.51
CA LYS C 81 -20.73 8.85 1.19
C LYS C 81 -21.04 7.54 1.92
N ASP C 82 -20.78 6.39 1.28
CA ASP C 82 -21.03 5.07 1.87
C ASP C 82 -19.98 4.61 2.87
N VAL C 83 -18.71 5.00 2.67
CA VAL C 83 -17.66 4.67 3.63
C VAL C 83 -17.90 5.51 4.90
N MET C 84 -18.25 6.81 4.72
CA MET C 84 -18.55 7.75 5.81
C MET C 84 -19.76 7.28 6.61
N LEU C 85 -20.77 6.70 5.94
CA LEU C 85 -21.99 6.17 6.56
C LEU C 85 -21.64 4.98 7.44
N LEU C 86 -20.76 4.07 6.96
CA LEU C 86 -20.29 2.87 7.67
C LEU C 86 -19.68 3.30 9.00
N CYS C 87 -18.71 4.24 8.94
CA CYS C 87 -18.01 4.78 10.09
C CYS C 87 -18.93 5.50 11.07
N HIS C 88 -19.89 6.32 10.55
CA HIS C 88 -20.87 7.03 11.39
C HIS C 88 -21.68 6.04 12.21
N ASN C 89 -22.15 4.97 11.52
CA ASN C 89 -22.93 3.89 12.11
C ASN C 89 -22.16 3.17 13.21
N ALA C 90 -20.84 2.92 13.04
CA ALA C 90 -20.04 2.29 14.09
C ALA C 90 -19.93 3.23 15.28
N GLN C 91 -19.73 4.53 15.00
CA GLN C 91 -19.61 5.61 15.99
C GLN C 91 -20.92 5.88 16.74
N THR C 92 -22.07 5.60 16.11
CA THR C 92 -23.39 5.79 16.72
C THR C 92 -23.68 4.62 17.67
N PHE C 93 -23.51 3.38 17.19
CA PHE C 93 -23.81 2.18 17.96
C PHE C 93 -22.82 1.89 19.09
N ASN C 94 -21.53 2.17 18.88
CA ASN C 94 -20.48 1.87 19.86
C ASN C 94 -20.12 3.06 20.74
N LEU C 95 -19.67 2.78 21.98
CA LEU C 95 -19.27 3.82 22.92
C LEU C 95 -18.01 4.53 22.47
N GLU C 96 -17.97 5.84 22.69
CA GLU C 96 -16.83 6.68 22.36
C GLU C 96 -15.64 6.11 23.13
N GLY C 97 -14.48 6.04 22.49
CA GLY C 97 -13.29 5.49 23.13
C GLY C 97 -13.15 3.98 23.05
N SER C 98 -14.22 3.26 22.62
CA SER C 98 -14.16 1.80 22.46
C SER C 98 -13.39 1.45 21.17
N GLN C 99 -12.85 0.22 21.10
CA GLN C 99 -12.04 -0.23 19.96
C GLN C 99 -12.75 -0.07 18.60
N ILE C 100 -14.00 -0.55 18.45
CA ILE C 100 -14.76 -0.42 17.20
C ILE C 100 -14.92 1.06 16.81
N TYR C 101 -15.33 1.93 17.79
CA TYR C 101 -15.51 3.37 17.60
C TYR C 101 -14.22 4.00 17.10
N GLU C 102 -13.10 3.69 17.80
CA GLU C 102 -11.81 4.28 17.53
C GLU C 102 -11.22 3.82 16.20
N ASP C 103 -11.46 2.56 15.79
CA ASP C 103 -11.01 2.01 14.50
C ASP C 103 -11.71 2.68 13.31
N SER C 104 -13.02 2.97 13.44
CA SER C 104 -13.81 3.66 12.41
C SER C 104 -13.29 5.09 12.13
N ILE C 105 -12.83 5.80 13.17
CA ILE C 105 -12.23 7.14 13.01
C ILE C 105 -10.95 7.03 12.17
N VAL C 106 -10.11 6.00 12.46
CA VAL C 106 -8.87 5.75 11.72
C VAL C 106 -9.18 5.41 10.25
N LEU C 107 -10.10 4.44 10.01
CA LEU C 107 -10.46 4.01 8.66
C LEU C 107 -11.02 5.14 7.80
N GLN C 108 -11.72 6.12 8.42
CA GLN C 108 -12.24 7.35 7.78
C GLN C 108 -11.09 8.14 7.21
N SER C 109 -9.99 8.25 8.00
CA SER C 109 -8.77 8.96 7.65
C SER C 109 -8.00 8.20 6.58
N VAL C 110 -7.92 6.85 6.72
CA VAL C 110 -7.24 5.94 5.78
C VAL C 110 -7.89 6.04 4.41
N PHE C 111 -9.23 6.20 4.36
CA PHE C 111 -9.99 6.37 3.12
C PHE C 111 -9.67 7.69 2.45
N LYS C 112 -9.67 8.80 3.20
CA LYS C 112 -9.39 10.12 2.66
C LYS C 112 -7.97 10.21 2.12
N SER C 113 -6.99 9.61 2.87
CA SER C 113 -5.57 9.51 2.50
C SER C 113 -5.45 8.73 1.19
N ALA C 114 -6.18 7.59 1.08
CA ALA C 114 -6.23 6.71 -0.08
C ALA C 114 -6.85 7.41 -1.30
N ARG C 115 -8.03 8.05 -1.14
CA ARG C 115 -8.73 8.81 -2.18
C ARG C 115 -7.84 9.93 -2.73
N GLN C 116 -7.19 10.68 -1.85
CA GLN C 116 -6.31 11.77 -2.26
C GLN C 116 -4.99 11.28 -2.92
N LYS C 117 -4.55 10.05 -2.62
CA LYS C 117 -3.34 9.45 -3.20
C LYS C 117 -3.63 8.91 -4.61
N ILE C 118 -4.71 8.12 -4.73
CA ILE C 118 -5.16 7.44 -5.95
C ILE C 118 -5.92 8.39 -6.91
N ALA C 119 -6.78 9.30 -6.39
CA ALA C 119 -7.51 10.27 -7.22
C ALA C 119 -6.75 11.59 -7.48
N LYS C 120 -5.98 12.09 -6.49
CA LYS C 120 -5.23 13.33 -6.70
C LYS C 120 -3.72 13.09 -6.67
#